data_6YO1
#
_entry.id   6YO1
#
_cell.length_a   100.510
_cell.length_b   32.660
_cell.length_c   72.400
_cell.angle_alpha   90.000
_cell.angle_beta   90.825
_cell.angle_gamma   90.000
#
_symmetry.space_group_name_H-M   'C 1 2 1'
#
loop_
_entity.id
_entity.type
_entity.pdbx_description
1 polymer 'Ribonuclease pancreatic'
2 non-polymer "URIDINE-2',3'-VANADATE"
3 water water
#
_entity_poly.entity_id   1
_entity_poly.type   'polypeptide(L)'
_entity_poly.pdbx_seq_one_letter_code
;KETAAAKFERQHMDSSTSAASSSNYCNQMMKSRNLTKDRCKPVNTFVHESLADVQAVCSQKNVACKNGQTNCYQSYSTMS
ITDCRETGSSKYPNCAYKTTQANKHIIVACEGNPYVPVHFDASV
;
_entity_poly.pdbx_strand_id   A,B
#
loop_
_chem_comp.id
_chem_comp.type
_chem_comp.name
_chem_comp.formula
UVC non-polymer URIDINE-2',3'-VANADATE 'C9 H12 N2 O9 V'
#
# COMPACT_ATOMS: atom_id res chain seq x y z
N LYS A 1 11.34 16.91 23.56
CA LYS A 1 12.72 16.96 23.08
C LYS A 1 12.83 17.24 21.58
N GLU A 2 13.29 16.24 20.84
CA GLU A 2 13.51 16.36 19.41
C GLU A 2 12.18 16.28 18.66
N THR A 3 11.93 17.26 17.78
CA THR A 3 10.71 17.22 16.97
C THR A 3 10.77 16.09 15.95
N ALA A 4 9.58 15.71 15.48
CA ALA A 4 9.51 14.64 14.48
C ALA A 4 10.21 15.04 13.19
N ALA A 5 10.07 16.31 12.79
CA ALA A 5 10.75 16.79 11.58
C ALA A 5 12.28 16.76 11.75
N ALA A 6 12.76 17.19 12.93
CA ALA A 6 14.19 17.09 13.21
C ALA A 6 14.63 15.62 13.24
N LYS A 7 13.81 14.76 13.82
CA LYS A 7 14.18 13.34 13.85
C LYS A 7 14.29 12.81 12.42
N PHE A 8 13.38 13.20 11.53
CA PHE A 8 13.50 12.77 10.13
C PHE A 8 14.80 13.27 9.51
N GLU A 9 15.15 14.55 9.72
CA GLU A 9 16.41 15.04 9.16
C GLU A 9 17.61 14.27 9.70
N ARG A 10 17.63 14.00 11.02
CA ARG A 10 18.74 13.26 11.63
C ARG A 10 18.86 11.85 11.07
N GLN A 11 17.73 11.14 10.97
CA GLN A 11 17.77 9.74 10.57
C GLN A 11 17.98 9.57 9.06
N HIS A 12 17.52 10.53 8.23
CA HIS A 12 17.34 10.26 6.81
C HIS A 12 17.96 11.24 5.83
N MET A 13 18.44 12.41 6.26
CA MET A 13 18.95 13.41 5.34
C MET A 13 20.48 13.42 5.36
N ASP A 14 21.09 13.28 4.18
CA ASP A 14 22.53 13.50 4.04
C ASP A 14 22.76 14.19 2.69
N SER A 15 22.45 15.48 2.63
CA SER A 15 22.60 16.27 1.41
C SER A 15 24.06 16.56 1.07
N SER A 16 24.99 16.26 1.99
CA SER A 16 26.40 16.63 1.84
C SER A 16 27.10 15.89 0.70
N THR A 17 26.58 14.74 0.27
CA THR A 17 27.22 13.96 -0.79
C THR A 17 26.34 13.72 -2.02
N ALA A 20 28.17 9.85 -3.71
CA ALA A 20 29.37 9.02 -3.78
C ALA A 20 29.68 8.38 -2.43
N SER A 21 29.04 7.23 -2.16
CA SER A 21 29.15 6.55 -0.88
C SER A 21 30.09 5.37 -0.99
N SER A 22 30.87 5.17 0.07
CA SER A 22 31.83 4.07 0.14
C SER A 22 31.21 2.87 0.81
N SER A 23 31.91 1.74 0.74
CA SER A 23 31.41 0.54 1.39
C SER A 23 31.40 0.64 2.92
N ASN A 24 32.10 1.60 3.53
CA ASN A 24 31.97 1.80 4.96
C ASN A 24 31.00 2.92 5.32
N TYR A 25 30.30 3.52 4.34
CA TYR A 25 29.46 4.69 4.59
C TYR A 25 28.43 4.43 5.68
N CYS A 26 27.68 3.33 5.55
CA CYS A 26 26.61 3.06 6.51
C CYS A 26 27.19 2.76 7.90
N ASN A 27 28.29 2.01 7.98
CA ASN A 27 28.91 1.76 9.28
C ASN A 27 29.19 3.09 10.02
N GLN A 28 29.71 4.08 9.30
CA GLN A 28 30.04 5.36 9.93
C GLN A 28 28.79 6.20 10.21
N MET A 29 27.88 6.28 9.23
CA MET A 29 26.73 7.18 9.35
C MET A 29 25.70 6.68 10.35
N MET A 30 25.43 5.37 10.37
CA MET A 30 24.49 4.86 11.35
C MET A 30 24.96 5.16 12.77
N LYS A 31 26.27 5.08 13.01
CA LYS A 31 26.83 5.43 14.31
C LYS A 31 26.72 6.93 14.57
N SER A 32 27.15 7.77 13.61
CA SER A 32 27.25 9.20 13.88
C SER A 32 25.88 9.87 14.01
N ARG A 33 24.84 9.32 13.37
CA ARG A 33 23.49 9.83 13.53
C ARG A 33 22.74 9.17 14.69
N ASN A 34 23.44 8.41 15.53
CA ASN A 34 22.88 7.84 16.77
C ASN A 34 21.80 6.81 16.50
N LEU A 35 21.91 6.09 15.39
CA LEU A 35 20.95 5.05 15.03
C LEU A 35 21.38 3.67 15.54
N THR A 36 22.46 3.61 16.32
CA THR A 36 22.94 2.35 16.89
C THR A 36 23.19 2.48 18.39
N LYS A 37 22.63 3.51 19.03
CA LYS A 37 22.95 3.77 20.44
C LYS A 37 22.28 2.75 21.36
N ASP A 38 20.98 2.51 21.18
CA ASP A 38 20.23 1.59 22.02
C ASP A 38 20.10 0.18 21.43
N ARG A 39 20.22 0.05 20.12
CA ARG A 39 20.15 -1.21 19.40
C ARG A 39 20.61 -0.90 17.98
N CYS A 40 20.99 -1.94 17.23
CA CYS A 40 21.29 -1.73 15.82
C CYS A 40 19.98 -1.61 15.06
N LYS A 41 19.66 -0.40 14.59
CA LYS A 41 18.49 -0.24 13.72
C LYS A 41 18.66 -1.11 12.48
N PRO A 42 17.71 -2.00 12.17
CA PRO A 42 17.98 -2.99 11.10
C PRO A 42 18.10 -2.39 9.71
N VAL A 43 17.23 -1.46 9.32
CA VAL A 43 17.19 -0.89 7.97
C VAL A 43 17.03 0.62 8.06
N ASN A 44 17.87 1.36 7.35
CA ASN A 44 17.74 2.83 7.34
C ASN A 44 18.19 3.40 6.01
N THR A 45 17.46 4.41 5.51
CA THR A 45 17.78 5.02 4.23
C THR A 45 18.20 6.47 4.41
N PHE A 46 19.26 6.89 3.72
CA PHE A 46 19.68 8.28 3.65
C PHE A 46 19.41 8.83 2.27
N VAL A 47 18.92 10.07 2.21
CA VAL A 47 18.56 10.75 0.97
C VAL A 47 19.60 11.82 0.69
N HIS A 48 20.20 11.80 -0.51
CA HIS A 48 21.26 12.72 -0.85
C HIS A 48 20.77 13.90 -1.69
N GLU A 49 19.53 14.29 -1.51
CA GLU A 49 19.01 15.46 -2.18
C GLU A 49 18.97 16.60 -1.18
N SER A 50 18.68 17.79 -1.68
CA SER A 50 18.58 18.94 -0.79
C SER A 50 17.39 18.79 0.13
N LEU A 51 17.49 19.40 1.31
CA LEU A 51 16.33 19.43 2.21
C LEU A 51 15.09 20.00 1.52
N ALA A 52 15.27 21.05 0.71
CA ALA A 52 14.11 21.65 0.03
C ALA A 52 13.43 20.65 -0.91
N ASP A 53 14.22 19.88 -1.66
CA ASP A 53 13.64 18.91 -2.58
C ASP A 53 12.90 17.81 -1.85
N VAL A 54 13.44 17.34 -0.72
CA VAL A 54 12.75 16.30 0.02
C VAL A 54 11.49 16.84 0.70
N GLN A 55 11.57 18.05 1.26
CA GLN A 55 10.37 18.66 1.84
C GLN A 55 9.30 18.87 0.79
N ALA A 56 9.69 19.20 -0.44
CA ALA A 56 8.68 19.40 -1.49
C ALA A 56 7.89 18.14 -1.79
N VAL A 57 8.39 16.96 -1.39
CA VAL A 57 7.68 15.72 -1.69
C VAL A 57 6.33 15.68 -1.00
N CYS A 58 6.20 16.36 0.15
CA CYS A 58 4.90 16.43 0.82
C CYS A 58 3.80 17.12 0.00
N SER A 59 4.14 17.69 -1.17
CA SER A 59 3.13 18.28 -2.05
C SER A 59 3.05 17.55 -3.39
N GLN A 60 3.60 16.34 -3.48
CA GLN A 60 3.72 15.60 -4.73
C GLN A 60 2.71 14.46 -4.72
N LYS A 61 3.08 13.22 -5.07
CA LYS A 61 2.05 12.22 -5.35
C LYS A 61 1.54 11.60 -4.05
N ASN A 62 0.29 11.86 -3.68
CA ASN A 62 -0.27 11.27 -2.48
C ASN A 62 -0.47 9.77 -2.68
N VAL A 63 0.01 8.98 -1.71
CA VAL A 63 -0.14 7.53 -1.74
C VAL A 63 -0.36 7.00 -0.32
N ALA A 64 -0.93 5.79 -0.28
CA ALA A 64 -1.15 5.08 0.96
C ALA A 64 0.18 4.71 1.61
N CYS A 65 0.27 4.93 2.92
CA CYS A 65 1.40 4.45 3.70
C CYS A 65 1.29 2.96 3.92
N LYS A 66 2.45 2.33 4.16
CA LYS A 66 2.50 0.91 4.48
C LYS A 66 1.59 0.56 5.67
N ASN A 67 1.46 1.46 6.65
CA ASN A 67 0.61 1.19 7.80
C ASN A 67 -0.87 1.48 7.54
N GLY A 68 -1.26 1.84 6.32
CA GLY A 68 -2.64 2.12 6.05
C GLY A 68 -3.06 3.57 6.17
N GLN A 69 -2.23 4.43 6.76
CA GLN A 69 -2.58 5.85 6.77
C GLN A 69 -2.50 6.43 5.36
N THR A 70 -3.08 7.63 5.19
CA THR A 70 -3.22 8.23 3.88
C THR A 70 -2.30 9.44 3.69
N ASN A 71 -1.39 9.68 4.63
CA ASN A 71 -0.56 10.88 4.56
C ASN A 71 0.84 10.57 4.00
N CYS A 72 0.96 9.60 3.06
CA CYS A 72 2.28 9.39 2.47
C CYS A 72 2.35 10.02 1.10
N TYR A 73 3.57 10.33 0.64
CA TYR A 73 3.77 11.04 -0.63
C TYR A 73 5.01 10.47 -1.31
N GLN A 74 4.86 10.22 -2.61
CA GLN A 74 5.90 9.67 -3.47
C GLN A 74 6.46 10.77 -4.37
N SER A 75 7.80 10.78 -4.48
CA SER A 75 8.47 11.81 -5.26
C SER A 75 8.18 11.59 -6.74
N TYR A 76 7.97 12.69 -7.47
CA TYR A 76 7.75 12.60 -8.91
C TYR A 76 9.03 12.18 -9.65
N SER A 77 10.19 12.60 -9.17
CA SER A 77 11.46 12.17 -9.76
C SER A 77 12.15 11.15 -8.87
N THR A 78 13.04 10.37 -9.49
CA THR A 78 13.93 9.54 -8.67
C THR A 78 14.89 10.45 -7.91
N MET A 79 15.40 9.92 -6.80
CA MET A 79 16.35 10.61 -5.95
C MET A 79 17.50 9.67 -5.61
N SER A 80 18.69 10.27 -5.47
CA SER A 80 19.88 9.55 -4.99
C SER A 80 19.71 9.21 -3.52
N ILE A 81 19.80 7.91 -3.19
CA ILE A 81 19.65 7.44 -1.82
C ILE A 81 20.70 6.36 -1.54
N THR A 82 20.88 6.09 -0.25
CA THR A 82 21.73 5.00 0.24
C THR A 82 20.93 4.19 1.25
N ASP A 83 20.71 2.92 0.95
CA ASP A 83 20.10 1.96 1.86
C ASP A 83 21.18 1.34 2.74
N CYS A 84 20.95 1.32 4.05
CA CYS A 84 21.80 0.66 5.02
C CYS A 84 21.04 -0.53 5.57
N ARG A 85 21.63 -1.72 5.45
CA ARG A 85 20.96 -2.93 5.94
C ARG A 85 21.92 -3.71 6.82
N GLU A 86 21.49 -4.04 8.02
CA GLU A 86 22.35 -4.73 8.97
C GLU A 86 22.81 -6.08 8.40
N THR A 87 24.10 -6.39 8.57
CA THR A 87 24.65 -7.65 8.10
C THR A 87 24.33 -8.77 9.08
N GLY A 88 24.44 -10.01 8.60
CA GLY A 88 24.21 -11.15 9.47
C GLY A 88 25.22 -11.25 10.58
N SER A 89 26.44 -10.78 10.35
CA SER A 89 27.51 -10.83 11.33
C SER A 89 27.51 -9.63 12.27
N SER A 90 26.47 -8.81 12.24
CA SER A 90 26.40 -7.64 13.09
C SER A 90 25.91 -8.04 14.48
N LYS A 91 26.61 -7.58 15.51
CA LYS A 91 26.22 -7.82 16.90
C LYS A 91 26.41 -6.53 17.68
N TYR A 92 25.33 -6.04 18.27
CA TYR A 92 25.40 -4.83 19.07
C TYR A 92 26.45 -4.97 20.16
N PRO A 93 27.18 -3.90 20.50
CA PRO A 93 27.10 -2.52 20.02
C PRO A 93 27.90 -2.26 18.75
N ASN A 94 28.61 -3.28 18.28
CA ASN A 94 29.39 -3.18 17.05
C ASN A 94 28.46 -3.48 15.87
N CYS A 95 27.64 -2.50 15.54
CA CYS A 95 26.68 -2.69 14.45
C CYS A 95 27.39 -2.64 13.11
N ALA A 96 26.97 -3.52 12.20
CA ALA A 96 27.59 -3.62 10.88
C ALA A 96 26.52 -3.55 9.80
N TYR A 97 26.82 -2.81 8.73
CA TYR A 97 25.84 -2.50 7.71
C TYR A 97 26.42 -2.70 6.31
N LYS A 98 25.59 -3.24 5.40
CA LYS A 98 25.86 -3.16 3.98
C LYS A 98 25.25 -1.88 3.42
N THR A 99 26.04 -1.20 2.59
CA THR A 99 25.72 0.10 2.00
C THR A 99 25.35 -0.10 0.54
N THR A 100 24.16 0.34 0.14
CA THR A 100 23.75 0.23 -1.26
C THR A 100 23.22 1.58 -1.74
N GLN A 101 23.95 2.22 -2.65
CA GLN A 101 23.42 3.40 -3.32
C GLN A 101 22.45 2.99 -4.40
N ALA A 102 21.45 3.84 -4.64
CA ALA A 102 20.47 3.62 -5.69
C ALA A 102 19.85 4.97 -6.08
N ASN A 103 19.12 4.96 -7.19
CA ASN A 103 18.35 6.12 -7.62
C ASN A 103 16.90 5.67 -7.74
N LYS A 104 16.08 6.04 -6.77
CA LYS A 104 14.71 5.52 -6.70
C LYS A 104 13.75 6.62 -6.26
N HIS A 105 12.46 6.45 -6.56
CA HIS A 105 11.49 7.36 -5.97
C HIS A 105 11.41 7.08 -4.48
N ILE A 106 11.21 8.12 -3.67
CA ILE A 106 11.03 7.90 -2.23
C ILE A 106 9.57 8.14 -1.87
N ILE A 107 9.15 7.53 -0.78
CA ILE A 107 7.82 7.71 -0.19
C ILE A 107 8.01 8.05 1.28
N VAL A 108 7.52 9.22 1.69
CA VAL A 108 7.64 9.71 3.07
C VAL A 108 6.24 10.04 3.59
N ALA A 109 6.08 9.99 4.92
CA ALA A 109 4.87 10.47 5.57
C ALA A 109 5.06 11.91 6.02
N CYS A 110 4.04 12.73 5.82
CA CYS A 110 4.10 14.14 6.14
C CYS A 110 3.04 14.49 7.19
N GLU A 111 3.36 15.45 8.05
CA GLU A 111 2.52 15.86 9.19
C GLU A 111 2.90 17.28 9.58
N GLY A 112 1.95 17.97 10.26
CA GLY A 112 2.24 19.22 10.90
C GLY A 112 1.98 20.46 10.06
N ASN A 113 2.21 21.60 10.70
CA ASN A 113 2.10 22.91 10.07
C ASN A 113 3.36 23.70 10.46
N PRO A 114 4.31 23.86 9.52
CA PRO A 114 4.26 23.49 8.11
C PRO A 114 4.32 21.98 7.89
N TYR A 115 3.82 21.53 6.75
CA TYR A 115 3.65 20.12 6.40
C TYR A 115 4.97 19.55 5.87
N VAL A 116 5.65 18.76 6.70
CA VAL A 116 7.02 18.33 6.42
C VAL A 116 7.13 16.83 6.64
N PRO A 117 8.17 16.20 6.10
CA PRO A 117 8.35 14.76 6.31
C PRO A 117 8.70 14.44 7.75
N VAL A 118 8.12 13.35 8.27
CA VAL A 118 8.35 12.89 9.62
C VAL A 118 8.69 11.40 9.66
N HIS A 119 8.60 10.71 8.52
CA HIS A 119 8.81 9.27 8.47
C HIS A 119 9.23 8.88 7.05
N PHE A 120 10.19 7.98 6.93
CA PHE A 120 10.59 7.45 5.63
C PHE A 120 9.87 6.12 5.45
N ASP A 121 8.93 6.06 4.52
CA ASP A 121 8.13 4.85 4.43
C ASP A 121 8.75 3.83 3.49
N ALA A 122 9.24 4.25 2.33
CA ALA A 122 9.70 3.25 1.37
C ALA A 122 10.44 3.91 0.23
N SER A 123 11.15 3.09 -0.55
CA SER A 123 11.65 3.52 -1.84
C SER A 123 11.10 2.57 -2.90
N VAL A 124 10.81 3.12 -4.08
CA VAL A 124 10.26 2.33 -5.19
C VAL A 124 10.96 2.62 -6.53
N LYS B 1 -15.06 -9.41 -26.58
CA LYS B 1 -15.07 -10.16 -25.33
C LYS B 1 -14.61 -9.28 -24.17
N GLU B 2 -15.22 -9.49 -23.01
CA GLU B 2 -14.91 -8.73 -21.81
C GLU B 2 -13.51 -9.04 -21.32
N THR B 3 -12.71 -7.99 -21.09
CA THR B 3 -11.36 -8.18 -20.54
C THR B 3 -11.46 -8.56 -19.07
N ALA B 4 -10.38 -9.17 -18.56
CA ALA B 4 -10.37 -9.55 -17.15
C ALA B 4 -10.51 -8.33 -16.25
N ALA B 5 -9.88 -7.22 -16.62
CA ALA B 5 -10.01 -5.99 -15.84
C ALA B 5 -11.45 -5.47 -15.85
N ALA B 6 -12.10 -5.49 -17.01
CA ALA B 6 -13.48 -5.05 -17.06
C ALA B 6 -14.38 -5.96 -16.25
N LYS B 7 -14.14 -7.27 -16.31
CA LYS B 7 -14.88 -8.22 -15.47
C LYS B 7 -14.69 -7.92 -14.00
N PHE B 8 -13.46 -7.60 -13.58
CA PHE B 8 -13.25 -7.23 -12.18
C PHE B 8 -14.10 -6.01 -11.83
N GLU B 9 -14.13 -5.01 -12.71
CA GLU B 9 -14.94 -3.81 -12.41
C GLU B 9 -16.42 -4.14 -12.33
N ARG B 10 -16.92 -4.97 -13.24
CA ARG B 10 -18.33 -5.34 -13.21
C ARG B 10 -18.68 -6.08 -11.93
N GLN B 11 -17.84 -7.07 -11.55
CA GLN B 11 -18.15 -7.93 -10.41
C GLN B 11 -17.90 -7.26 -9.07
N HIS B 12 -16.95 -6.33 -8.96
CA HIS B 12 -16.46 -5.94 -7.65
C HIS B 12 -16.44 -4.44 -7.37
N MET B 13 -16.67 -3.57 -8.35
CA MET B 13 -16.57 -2.13 -8.14
C MET B 13 -17.96 -1.51 -8.04
N ASP B 14 -18.21 -0.80 -6.93
CA ASP B 14 -19.42 0.01 -6.83
C ASP B 14 -19.06 1.33 -6.14
N SER B 15 -18.42 2.21 -6.90
CA SER B 15 -18.05 3.51 -6.37
C SER B 15 -19.25 4.43 -6.15
N SER B 16 -20.45 4.03 -6.56
CA SER B 16 -21.61 4.93 -6.52
C SER B 16 -22.05 5.28 -5.10
N THR B 17 -21.86 4.38 -4.14
CA THR B 17 -22.27 4.63 -2.77
C THR B 17 -21.09 4.32 -1.85
N SER B 18 -21.00 5.05 -0.73
CA SER B 18 -19.89 4.84 0.19
C SER B 18 -20.03 3.54 0.98
N ALA B 19 -21.21 2.93 1.00
CA ALA B 19 -21.47 1.68 1.72
C ALA B 19 -22.88 1.21 1.38
N ALA B 20 -23.12 -0.07 1.63
CA ALA B 20 -24.43 -0.67 1.35
C ALA B 20 -25.50 -0.06 2.25
N SER B 21 -26.48 0.61 1.65
CA SER B 21 -27.52 1.22 2.46
C SER B 21 -28.48 0.18 3.01
N SER B 22 -29.32 -0.40 2.17
CA SER B 22 -30.37 -1.27 2.68
C SER B 22 -29.90 -2.72 2.76
N SER B 23 -30.65 -3.51 3.53
CA SER B 23 -30.41 -4.94 3.65
C SER B 23 -30.75 -5.66 2.35
N ASN B 24 -31.33 -4.96 1.39
CA ASN B 24 -31.66 -5.50 0.08
C ASN B 24 -30.59 -5.22 -0.96
N TYR B 25 -29.48 -4.60 -0.56
CA TYR B 25 -28.45 -4.17 -1.51
C TYR B 25 -27.96 -5.33 -2.38
N CYS B 26 -27.61 -6.46 -1.75
CA CYS B 26 -27.01 -7.55 -2.51
C CYS B 26 -27.99 -8.15 -3.53
N ASN B 27 -29.26 -8.35 -3.16
CA ASN B 27 -30.21 -8.87 -4.14
C ASN B 27 -30.22 -8.03 -5.41
N GLN B 28 -30.27 -6.71 -5.23
CA GLN B 28 -30.34 -5.80 -6.36
C GLN B 28 -29.02 -5.77 -7.13
N MET B 29 -27.90 -5.67 -6.42
CA MET B 29 -26.62 -5.51 -7.10
C MET B 29 -26.19 -6.78 -7.80
N MET B 30 -26.39 -7.94 -7.15
CA MET B 30 -26.07 -9.20 -7.80
C MET B 30 -26.90 -9.37 -9.07
N LYS B 31 -28.17 -8.93 -9.05
CA LYS B 31 -28.96 -8.94 -10.27
C LYS B 31 -28.37 -7.99 -11.31
N SER B 32 -28.10 -6.76 -10.90
CA SER B 32 -27.71 -5.69 -11.82
C SER B 32 -26.34 -5.93 -12.44
N ARG B 33 -25.41 -6.58 -11.75
CA ARG B 33 -24.11 -6.86 -12.32
C ARG B 33 -24.06 -8.20 -13.05
N ASN B 34 -25.22 -8.81 -13.29
CA ASN B 34 -25.38 -10.03 -14.09
C ASN B 34 -24.74 -11.23 -13.44
N LEU B 35 -24.73 -11.28 -12.11
CA LEU B 35 -24.18 -12.39 -11.36
C LEU B 35 -25.25 -13.41 -10.95
N THR B 36 -26.48 -13.25 -11.43
CA THR B 36 -27.53 -14.24 -11.16
C THR B 36 -28.15 -14.77 -12.44
N LYS B 37 -27.50 -14.56 -13.58
CA LYS B 37 -28.15 -14.84 -14.87
C LYS B 37 -28.31 -16.34 -15.09
N ASP B 38 -27.21 -17.08 -15.08
CA ASP B 38 -27.31 -18.52 -15.30
C ASP B 38 -27.43 -19.31 -14.01
N ARG B 39 -26.97 -18.74 -12.89
CA ARG B 39 -26.98 -19.37 -11.58
C ARG B 39 -26.71 -18.28 -10.55
N CYS B 40 -27.03 -18.57 -9.30
CA CYS B 40 -26.73 -17.63 -8.21
C CYS B 40 -25.26 -17.72 -7.87
N LYS B 41 -24.48 -16.69 -8.17
CA LYS B 41 -23.11 -16.68 -7.68
C LYS B 41 -23.16 -16.71 -6.15
N PRO B 42 -22.53 -17.70 -5.50
CA PRO B 42 -22.75 -17.85 -4.05
C PRO B 42 -22.17 -16.73 -3.21
N VAL B 43 -20.97 -16.25 -3.53
CA VAL B 43 -20.26 -15.28 -2.71
C VAL B 43 -19.68 -14.20 -3.61
N ASN B 44 -19.90 -12.94 -3.26
CA ASN B 44 -19.33 -11.84 -4.04
C ASN B 44 -19.09 -10.60 -3.17
N THR B 45 -18.01 -9.90 -3.44
CA THR B 45 -17.65 -8.71 -2.68
C THR B 45 -17.70 -7.49 -3.57
N PHE B 46 -18.29 -6.41 -3.08
CA PHE B 46 -18.26 -5.12 -3.76
C PHE B 46 -17.42 -4.13 -2.96
N VAL B 47 -16.62 -3.31 -3.66
CA VAL B 47 -15.73 -2.32 -3.07
C VAL B 47 -16.27 -0.90 -3.33
N HIS B 48 -16.40 -0.12 -2.26
CA HIS B 48 -17.00 1.21 -2.29
C HIS B 48 -15.95 2.32 -2.23
N GLU B 49 -14.80 2.10 -2.82
CA GLU B 49 -13.77 3.11 -2.98
C GLU B 49 -13.70 3.53 -4.45
N SER B 50 -12.93 4.58 -4.72
CA SER B 50 -12.76 5.04 -6.09
C SER B 50 -11.98 3.99 -6.88
N LEU B 51 -12.25 3.93 -8.19
CA LEU B 51 -11.49 3.02 -9.03
C LEU B 51 -10.00 3.26 -8.91
N ALA B 52 -9.59 4.54 -8.82
CA ALA B 52 -8.16 4.87 -8.70
C ALA B 52 -7.55 4.28 -7.43
N ASP B 53 -8.25 4.38 -6.30
CA ASP B 53 -7.73 3.86 -5.04
C ASP B 53 -7.57 2.35 -5.09
N VAL B 54 -8.54 1.66 -5.70
CA VAL B 54 -8.45 0.20 -5.81
C VAL B 54 -7.33 -0.19 -6.78
N GLN B 55 -7.23 0.51 -7.91
CA GLN B 55 -6.14 0.21 -8.85
C GLN B 55 -4.77 0.39 -8.18
N ALA B 56 -4.64 1.39 -7.30
CA ALA B 56 -3.38 1.63 -6.61
C ALA B 56 -2.97 0.44 -5.72
N VAL B 57 -3.89 -0.47 -5.42
CA VAL B 57 -3.52 -1.61 -4.58
C VAL B 57 -2.43 -2.45 -5.25
N CYS B 58 -2.40 -2.48 -6.57
CA CYS B 58 -1.38 -3.19 -7.34
C CYS B 58 0.02 -2.62 -7.12
N SER B 59 0.12 -1.54 -6.35
CA SER B 59 1.40 -0.97 -5.94
C SER B 59 1.67 -1.14 -4.44
N GLN B 60 0.86 -1.92 -3.74
CA GLN B 60 0.91 -2.00 -2.29
C GLN B 60 1.54 -3.33 -1.87
N LYS B 61 0.99 -4.08 -0.92
CA LYS B 61 1.77 -5.17 -0.30
C LYS B 61 1.63 -6.44 -1.14
N ASN B 62 2.74 -6.88 -1.75
CA ASN B 62 2.71 -8.09 -2.56
C ASN B 62 2.56 -9.33 -1.67
N VAL B 63 1.58 -10.19 -2.01
CA VAL B 63 1.30 -11.42 -1.29
C VAL B 63 0.88 -12.52 -2.28
N ALA B 64 1.02 -13.75 -1.81
CA ALA B 64 0.56 -14.90 -2.57
C ALA B 64 -0.96 -14.93 -2.65
N CYS B 65 -1.46 -15.31 -3.82
CA CYS B 65 -2.87 -15.58 -4.04
C CYS B 65 -3.23 -16.95 -3.45
N LYS B 66 -4.54 -17.15 -3.22
CA LYS B 66 -5.04 -18.44 -2.73
C LYS B 66 -4.59 -19.59 -3.62
N ASN B 67 -4.54 -19.37 -4.93
CA ASN B 67 -4.18 -20.44 -5.84
C ASN B 67 -2.67 -20.63 -5.99
N GLY B 68 -1.84 -20.00 -5.17
CA GLY B 68 -0.40 -20.16 -5.25
C GLY B 68 0.31 -19.19 -6.17
N GLN B 69 -0.43 -18.41 -6.97
CA GLN B 69 0.21 -17.41 -7.80
C GLN B 69 0.82 -16.32 -6.92
N THR B 70 1.76 -15.57 -7.49
CA THR B 70 2.54 -14.59 -6.73
C THR B 70 2.17 -13.16 -7.08
N ASN B 71 1.11 -12.92 -7.85
CA ASN B 71 0.73 -11.58 -8.29
C ASN B 71 -0.46 -11.03 -7.51
N CYS B 72 -0.60 -11.36 -6.22
CA CYS B 72 -1.66 -10.75 -5.46
C CYS B 72 -1.11 -9.62 -4.61
N TYR B 73 -2.00 -8.71 -4.25
CA TYR B 73 -1.65 -7.50 -3.53
C TYR B 73 -2.72 -7.18 -2.52
N GLN B 74 -2.26 -6.89 -1.31
CA GLN B 74 -3.11 -6.54 -0.18
C GLN B 74 -3.06 -5.02 -0.01
N SER B 75 -4.22 -4.42 0.17
CA SER B 75 -4.27 -2.97 0.32
C SER B 75 -3.65 -2.60 1.67
N TYR B 76 -2.86 -1.53 1.69
CA TYR B 76 -2.32 -1.07 2.96
C TYR B 76 -3.43 -0.59 3.89
N SER B 77 -4.47 0.06 3.35
CA SER B 77 -5.54 0.59 4.18
C SER B 77 -6.73 -0.36 4.11
N THR B 78 -7.59 -0.28 5.13
CA THR B 78 -8.89 -0.89 5.03
C THR B 78 -9.74 -0.09 4.06
N MET B 79 -10.74 -0.75 3.46
CA MET B 79 -11.64 -0.12 2.53
C MET B 79 -13.07 -0.51 2.89
N SER B 80 -13.99 0.38 2.53
CA SER B 80 -15.41 0.08 2.66
C SER B 80 -15.82 -0.97 1.64
N ILE B 81 -16.36 -2.09 2.11
CA ILE B 81 -16.79 -3.17 1.23
C ILE B 81 -18.15 -3.71 1.69
N THR B 82 -18.79 -4.44 0.79
CA THR B 82 -20.04 -5.14 1.06
C THR B 82 -19.85 -6.59 0.66
N ASP B 83 -19.96 -7.50 1.61
CA ASP B 83 -19.96 -8.93 1.30
C ASP B 83 -21.40 -9.38 1.01
N CYS B 84 -21.58 -10.04 -0.12
CA CYS B 84 -22.85 -10.64 -0.50
C CYS B 84 -22.71 -12.14 -0.42
N ARG B 85 -23.55 -12.78 0.38
CA ARG B 85 -23.44 -14.23 0.45
C ARG B 85 -24.83 -14.84 0.35
N GLU B 86 -24.96 -15.79 -0.57
CA GLU B 86 -26.23 -16.46 -0.80
C GLU B 86 -26.73 -17.14 0.47
N THR B 87 -28.03 -17.03 0.70
CA THR B 87 -28.62 -17.66 1.88
C THR B 87 -28.81 -19.16 1.66
N GLY B 88 -28.97 -19.89 2.76
CA GLY B 88 -29.23 -21.32 2.65
C GLY B 88 -30.55 -21.65 1.98
N SER B 89 -31.53 -20.75 2.11
CA SER B 89 -32.86 -20.91 1.52
C SER B 89 -32.98 -20.34 0.11
N SER B 90 -31.86 -20.00 -0.52
CA SER B 90 -31.88 -19.43 -1.85
C SER B 90 -32.04 -20.50 -2.92
N LYS B 91 -32.93 -20.24 -3.88
CA LYS B 91 -33.19 -21.15 -4.99
C LYS B 91 -33.28 -20.35 -6.28
N TYR B 92 -32.38 -20.63 -7.22
CA TYR B 92 -32.40 -20.01 -8.53
C TYR B 92 -33.73 -20.33 -9.24
N PRO B 93 -34.30 -19.38 -10.03
CA PRO B 93 -33.79 -18.06 -10.41
C PRO B 93 -34.07 -16.93 -9.41
N ASN B 94 -34.77 -17.20 -8.32
CA ASN B 94 -34.97 -16.20 -7.27
C ASN B 94 -33.82 -16.30 -6.28
N CYS B 95 -32.68 -15.73 -6.67
CA CYS B 95 -31.51 -15.76 -5.81
C CYS B 95 -31.69 -14.79 -4.64
N ALA B 96 -31.27 -15.21 -3.46
CA ALA B 96 -31.38 -14.40 -2.25
C ALA B 96 -30.03 -14.30 -1.56
N TYR B 97 -29.71 -13.11 -1.06
CA TYR B 97 -28.41 -12.79 -0.49
C TYR B 97 -28.57 -12.08 0.85
N LYS B 98 -27.69 -12.41 1.80
CA LYS B 98 -27.48 -11.56 2.95
C LYS B 98 -26.37 -10.55 2.64
N THR B 99 -26.61 -9.31 3.04
CA THR B 99 -25.74 -8.15 2.80
C THR B 99 -25.00 -7.81 4.09
N THR B 100 -23.68 -7.77 4.05
CA THR B 100 -22.89 -7.42 5.24
C THR B 100 -21.91 -6.30 4.91
N GLN B 101 -22.08 -5.16 5.57
CA GLN B 101 -21.13 -4.06 5.45
C GLN B 101 -19.86 -4.39 6.23
N ALA B 102 -18.71 -3.92 5.71
CA ALA B 102 -17.48 -4.11 6.46
C ALA B 102 -16.45 -3.08 6.03
N ASN B 103 -15.41 -2.92 6.86
CA ASN B 103 -14.22 -2.12 6.55
C ASN B 103 -13.00 -3.02 6.71
N LYS B 104 -12.43 -3.46 5.60
CA LYS B 104 -11.38 -4.47 5.64
C LYS B 104 -10.35 -4.18 4.55
N HIS B 105 -9.15 -4.72 4.74
CA HIS B 105 -8.19 -4.74 3.64
C HIS B 105 -8.68 -5.69 2.55
N ILE B 106 -8.38 -5.37 1.29
CA ILE B 106 -8.70 -6.27 0.17
C ILE B 106 -7.41 -6.86 -0.39
N ILE B 107 -7.53 -8.05 -0.97
CA ILE B 107 -6.44 -8.73 -1.65
C ILE B 107 -6.93 -9.07 -3.05
N VAL B 108 -6.25 -8.53 -4.05
CA VAL B 108 -6.62 -8.65 -5.46
C VAL B 108 -5.44 -9.16 -6.25
N ALA B 109 -5.71 -9.82 -7.37
CA ALA B 109 -4.65 -10.21 -8.29
C ALA B 109 -4.52 -9.15 -9.36
N CYS B 110 -3.29 -8.78 -9.70
CA CYS B 110 -3.03 -7.71 -10.64
C CYS B 110 -2.29 -8.24 -11.86
N GLU B 111 -2.63 -7.68 -13.01
CA GLU B 111 -2.11 -8.21 -14.26
C GLU B 111 -2.25 -7.18 -15.36
N GLY B 112 -1.37 -7.25 -16.37
CA GLY B 112 -1.57 -6.51 -17.60
C GLY B 112 -0.93 -5.14 -17.62
N ASN B 113 -1.16 -4.44 -18.73
CA ASN B 113 -0.64 -3.08 -18.92
C ASN B 113 -1.79 -2.23 -19.42
N PRO B 114 -2.37 -1.35 -18.59
CA PRO B 114 -1.91 -1.02 -17.23
C PRO B 114 -2.09 -2.13 -16.20
N TYR B 115 -1.25 -2.12 -15.17
CA TYR B 115 -1.23 -3.18 -14.17
C TYR B 115 -2.38 -2.93 -13.20
N VAL B 116 -3.47 -3.68 -13.37
CA VAL B 116 -4.73 -3.40 -12.67
C VAL B 116 -5.28 -4.69 -12.10
N PRO B 117 -6.23 -4.60 -11.15
CA PRO B 117 -6.82 -5.83 -10.59
C PRO B 117 -7.60 -6.60 -11.64
N VAL B 118 -7.50 -7.93 -11.58
CA VAL B 118 -8.26 -8.77 -12.50
C VAL B 118 -9.03 -9.83 -11.74
N HIS B 119 -8.83 -9.91 -10.41
CA HIS B 119 -9.44 -10.98 -9.65
C HIS B 119 -9.50 -10.53 -8.19
N PHE B 120 -10.62 -10.82 -7.53
CA PHE B 120 -10.78 -10.51 -6.11
C PHE B 120 -10.44 -11.76 -5.31
N ASP B 121 -9.33 -11.73 -4.58
CA ASP B 121 -8.89 -12.95 -3.94
C ASP B 121 -9.52 -13.11 -2.56
N ALA B 122 -9.56 -12.03 -1.76
CA ALA B 122 -10.03 -12.16 -0.38
C ALA B 122 -10.16 -10.77 0.23
N SER B 123 -10.81 -10.73 1.39
CA SER B 123 -10.72 -9.57 2.27
C SER B 123 -10.15 -10.05 3.61
N VAL B 124 -9.38 -9.20 4.25
CA VAL B 124 -8.80 -9.56 5.54
C VAL B 124 -9.05 -8.44 6.54
N1 UVC C . 13.21 2.43 6.94
C2 UVC C . 14.06 3.14 6.06
N3 UVC C . 14.10 2.87 4.74
C4 UVC C . 13.30 1.90 4.23
C5 UVC C . 12.46 1.19 5.08
C6 UVC C . 12.42 1.47 6.44
O2 UVC C . 14.80 4.04 6.50
O4 UVC C . 13.34 1.65 3.01
C1' UVC C . 13.19 2.73 8.39
C2' UVC C . 12.22 3.89 8.70
O2' UVC C . 12.83 4.81 9.59
C3' UVC C . 11.11 3.22 9.44
C4' UVC C . 11.60 1.88 9.92
O3' UVC C . 10.21 3.99 10.17
O4' UVC C . 12.74 1.58 9.07
C5' UVC C . 10.62 0.74 9.85
O5' UVC C . 10.19 0.53 8.52
V UVC C . 11.28 5.76 10.66
O1V UVC C . 9.61 6.57 11.69
O2V UVC C . 11.44 7.26 9.47
O3V UVC C . 12.34 5.71 12.48
N1 UVC D . -15.14 -13.98 -4.08
C2 UVC D . -15.40 -12.67 -3.59
N3 UVC D . -15.01 -12.30 -2.36
C4 UVC D . -14.33 -13.14 -1.56
C5 UVC D . -14.03 -14.42 -2.02
C6 UVC D . -14.45 -14.81 -3.29
O2 UVC D . -16.03 -11.84 -4.27
O4 UVC D . -13.96 -12.79 -0.42
C1' UVC D . -15.54 -14.47 -5.43
C2' UVC D . -14.48 -14.17 -6.48
O2' UVC D . -15.07 -13.66 -7.67
C3' UVC D . -13.93 -15.52 -6.83
C4' UVC D . -14.89 -16.57 -6.32
O3' UVC D . -13.14 -15.70 -7.98
O4' UVC D . -15.71 -15.88 -5.34
C5' UVC D . -14.28 -17.79 -5.69
O5' UVC D . -13.48 -17.46 -4.56
V UVC D . -13.77 -14.16 -9.28
O1V UVC D . -12.42 -14.72 -10.80
O2V UVC D . -13.04 -12.37 -9.18
O3V UVC D . -15.41 -14.60 -10.51
#